data_8U52
#
_entry.id   8U52
#
_cell.length_a   42.960
_cell.length_b   85.201
_cell.length_c   63.751
_cell.angle_alpha   90.00
_cell.angle_beta   90.00
_cell.angle_gamma   90.00
#
_symmetry.space_group_name_H-M   'P 21 21 2'
#
loop_
_entity.id
_entity.type
_entity.pdbx_description
1 polymer Transthyretin
2 non-polymer 'S-(4-fluorophenyl) 3-(dimethylamino)-5-[(E)-2-(4-hydroxy-3,5-dimethylphenyl)ethenyl]benzenecarbothioate'
3 water water
#
_entity_poly.entity_id   1
_entity_poly.type   'polypeptide(L)'
_entity_poly.pdbx_seq_one_letter_code
;GPTGTGESKCPLMVKVLDAVRGSPAINVAVHVFRKAADDTWEPFASGKTSESGELHGLTTEEEFVEGIYKVEIDTKSYWK
ALGISPFHEHAEVVFTANDSGPRRYTIAALLSPYSYSTTAVVTNPKE
;
_entity_poly.pdbx_strand_id   A,B
#
loop_
_chem_comp.id
_chem_comp.type
_chem_comp.name
_chem_comp.formula
1W4 non-polymer 'S-(4-fluorophenyl) 3-(dimethylamino)-5-[(E)-2-(4-hydroxy-3,5-dimethylphenyl)ethenyl]benzenecarbothioate' 'C25 H24 F N O2 S'
#
# COMPACT_ATOMS: atom_id res chain seq x y z
N CYS A 10 -0.01 21.33 11.36
CA CYS A 10 -0.46 20.40 10.26
C CYS A 10 -0.05 18.97 10.64
N PRO A 11 -0.99 18.16 11.17
CA PRO A 11 -0.60 16.87 11.71
C PRO A 11 -0.54 15.74 10.68
N LEU A 12 -1.05 15.96 9.48
CA LEU A 12 -1.03 14.87 8.44
C LEU A 12 -0.75 15.50 7.11
N MET A 13 0.41 15.21 6.54
CA MET A 13 0.85 15.75 5.25
CA MET A 13 0.83 15.75 5.25
C MET A 13 1.18 14.56 4.33
N VAL A 14 0.93 14.73 3.07
CA VAL A 14 1.25 13.68 2.06
C VAL A 14 2.18 14.28 1.01
N LYS A 15 3.27 13.59 0.75
CA LYS A 15 4.26 14.00 -0.30
CA LYS A 15 4.26 14.04 -0.31
C LYS A 15 4.47 12.87 -1.38
N VAL A 16 4.33 13.28 -2.63
CA VAL A 16 4.37 12.26 -3.69
C VAL A 16 5.39 12.70 -4.75
N LEU A 17 6.27 11.80 -5.10
CA LEU A 17 7.30 12.02 -6.13
C LEU A 17 7.11 11.03 -7.26
N ASP A 18 7.56 11.42 -8.45
CA ASP A 18 7.51 10.64 -9.70
C ASP A 18 8.90 10.17 -10.06
N ALA A 19 9.15 8.86 -10.04
CA ALA A 19 10.47 8.28 -10.27
C ALA A 19 10.78 8.15 -11.77
N VAL A 20 9.83 8.39 -12.64
CA VAL A 20 10.02 8.38 -14.11
C VAL A 20 10.52 9.74 -14.56
N ARG A 21 9.88 10.81 -14.11
CA ARG A 21 10.14 12.19 -14.53
C ARG A 21 11.17 12.84 -13.62
N GLY A 22 11.42 12.37 -12.42
CA GLY A 22 12.31 13.08 -11.51
C GLY A 22 11.71 14.37 -11.06
N SER A 23 10.43 14.35 -10.63
CA SER A 23 9.66 15.54 -10.34
C SER A 23 8.73 15.26 -9.19
N PRO A 24 8.18 16.28 -8.57
CA PRO A 24 6.99 16.09 -7.75
C PRO A 24 5.93 15.45 -8.62
N ALA A 25 5.05 14.64 -8.00
CA ALA A 25 3.85 14.08 -8.65
C ALA A 25 2.70 15.04 -8.38
N ILE A 26 2.32 15.83 -9.38
CA ILE A 26 1.39 16.96 -9.23
C ILE A 26 -0.03 16.49 -9.52
N ASN A 27 -1.02 17.00 -8.77
CA ASN A 27 -2.48 16.75 -9.02
CA ASN A 27 -2.47 16.74 -9.10
C ASN A 27 -2.80 15.28 -8.82
N VAL A 28 -2.15 14.69 -7.83
CA VAL A 28 -2.44 13.29 -7.42
C VAL A 28 -3.57 13.36 -6.39
N ALA A 29 -4.68 12.69 -6.65
CA ALA A 29 -5.79 12.66 -5.67
C ALA A 29 -5.43 11.73 -4.52
N VAL A 30 -5.79 12.16 -3.32
CA VAL A 30 -5.53 11.43 -2.05
C VAL A 30 -6.81 11.41 -1.25
N HIS A 31 -7.22 10.23 -0.84
CA HIS A 31 -8.40 10.04 0.03
C HIS A 31 -7.94 9.42 1.34
N VAL A 32 -8.36 10.00 2.44
CA VAL A 32 -8.04 9.48 3.80
C VAL A 32 -9.30 8.92 4.42
N PHE A 33 -9.17 7.72 5.00
CA PHE A 33 -10.30 7.06 5.70
C PHE A 33 -9.86 6.76 7.10
N ARG A 34 -10.85 6.61 8.02
CA ARG A 34 -10.58 6.29 9.43
C ARG A 34 -11.48 5.13 9.76
N LYS A 35 -10.97 4.09 10.35
CA LYS A 35 -11.81 2.94 10.73
C LYS A 35 -12.75 3.32 11.88
N ALA A 36 -14.04 3.10 11.66
CA ALA A 36 -15.10 3.38 12.67
C ALA A 36 -15.26 2.19 13.64
N ALA A 37 -16.05 2.39 14.68
CA ALA A 37 -16.24 1.41 15.77
C ALA A 37 -16.74 0.08 15.22
N ASP A 38 -17.55 0.18 14.17
CA ASP A 38 -18.16 -1.00 13.50
C ASP A 38 -17.21 -1.59 12.46
N ASP A 39 -15.94 -1.18 12.42
CA ASP A 39 -14.86 -1.79 11.58
C ASP A 39 -15.02 -1.43 10.09
N THR A 40 -15.89 -0.50 9.76
CA THR A 40 -16.00 0.07 8.39
C THR A 40 -15.06 1.28 8.26
N TRP A 41 -14.61 1.50 7.03
CA TRP A 41 -13.80 2.67 6.65
C TRP A 41 -14.72 3.84 6.44
N GLU A 42 -14.54 4.88 7.21
CA GLU A 42 -15.30 6.12 7.04
C GLU A 42 -14.45 7.15 6.34
N PRO A 43 -15.01 7.90 5.38
CA PRO A 43 -14.27 9.01 4.79
C PRO A 43 -13.84 9.99 5.86
N PHE A 44 -12.59 10.44 5.80
CA PHE A 44 -12.01 11.37 6.78
C PHE A 44 -11.60 12.71 6.16
N ALA A 45 -10.88 12.66 5.04
CA ALA A 45 -10.45 13.85 4.34
C ALA A 45 -9.94 13.45 2.95
N SER A 46 -9.83 14.49 2.07
CA SER A 46 -9.29 14.24 0.74
C SER A 46 -8.73 15.52 0.19
N GLY A 47 -7.91 15.39 -0.84
CA GLY A 47 -7.32 16.54 -1.50
C GLY A 47 -6.43 16.09 -2.64
N LYS A 48 -5.72 17.03 -3.24
CA LYS A 48 -4.77 16.67 -4.30
C LYS A 48 -3.46 17.37 -4.07
N THR A 49 -2.41 16.70 -4.53
CA THR A 49 -1.08 17.29 -4.40
C THR A 49 -0.92 18.55 -5.30
N SER A 50 -0.15 19.45 -4.76
CA SER A 50 0.18 20.74 -5.37
C SER A 50 1.26 20.57 -6.42
N GLU A 51 1.70 21.72 -6.99
CA GLU A 51 2.86 21.73 -7.92
C GLU A 51 4.14 21.25 -7.23
N SER A 52 4.24 21.27 -5.90
CA SER A 52 5.39 20.75 -5.16
C SER A 52 5.24 19.26 -4.79
N GLY A 53 4.13 18.62 -5.18
CA GLY A 53 3.86 17.23 -4.81
C GLY A 53 3.40 17.07 -3.39
N GLU A 54 2.98 18.17 -2.77
CA GLU A 54 2.58 18.16 -1.36
C GLU A 54 1.11 18.39 -1.17
N LEU A 55 0.54 17.77 -0.17
CA LEU A 55 -0.87 17.95 0.24
C LEU A 55 -0.88 18.22 1.73
N HIS A 56 -1.25 19.47 2.04
CA HIS A 56 -1.36 20.05 3.42
C HIS A 56 -2.85 20.30 3.72
N GLY A 57 -3.16 20.51 4.98
CA GLY A 57 -4.50 21.02 5.33
C GLY A 57 -5.56 19.97 5.29
N LEU A 58 -5.21 18.68 5.28
CA LEU A 58 -6.21 17.60 5.32
C LEU A 58 -7.02 17.62 6.60
N THR A 59 -6.38 17.87 7.74
CA THR A 59 -7.10 17.78 9.03
C THR A 59 -6.51 18.76 10.00
N THR A 60 -7.02 18.71 11.21
CA THR A 60 -6.58 19.59 12.31
C THR A 60 -6.16 18.68 13.46
N GLU A 61 -5.39 19.18 14.39
CA GLU A 61 -5.04 18.47 15.63
C GLU A 61 -6.29 18.00 16.36
N GLU A 62 -7.35 18.80 16.42
CA GLU A 62 -8.62 18.42 17.09
C GLU A 62 -9.31 17.23 16.44
N GLU A 63 -9.42 17.24 15.13
CA GLU A 63 -10.18 16.19 14.41
CA GLU A 63 -10.16 16.21 14.37
C GLU A 63 -9.37 14.90 14.25
N PHE A 64 -8.04 15.04 14.26
CA PHE A 64 -7.14 13.90 13.99
C PHE A 64 -6.88 13.10 15.29
N VAL A 65 -7.93 12.45 15.73
CA VAL A 65 -7.85 11.73 17.01
C VAL A 65 -7.17 10.38 16.81
N GLU A 66 -6.99 9.60 17.86
CA GLU A 66 -6.44 8.23 17.75
CA GLU A 66 -6.46 8.22 17.78
C GLU A 66 -7.31 7.42 16.80
N GLY A 67 -6.72 6.53 16.01
CA GLY A 67 -7.50 5.66 15.18
C GLY A 67 -6.62 4.92 14.19
N ILE A 68 -7.25 4.10 13.41
CA ILE A 68 -6.57 3.43 12.28
C ILE A 68 -6.98 4.22 11.05
N TYR A 69 -6.00 4.73 10.32
CA TYR A 69 -6.21 5.58 9.15
C TYR A 69 -5.72 4.87 7.89
N LYS A 70 -6.35 5.13 6.80
CA LYS A 70 -5.94 4.62 5.48
C LYS A 70 -5.78 5.82 4.58
N VAL A 71 -4.59 5.99 4.05
CA VAL A 71 -4.27 7.03 3.04
C VAL A 71 -4.21 6.38 1.68
N GLU A 72 -5.18 6.64 0.83
CA GLU A 72 -5.31 6.04 -0.51
CA GLU A 72 -5.25 6.02 -0.50
C GLU A 72 -4.78 7.07 -1.49
N ILE A 73 -3.70 6.75 -2.19
CA ILE A 73 -3.10 7.67 -3.18
C ILE A 73 -3.49 7.17 -4.55
N ASP A 74 -4.15 7.99 -5.34
CA ASP A 74 -4.79 7.51 -6.59
C ASP A 74 -3.76 7.53 -7.73
N THR A 75 -2.83 6.56 -7.66
CA THR A 75 -1.70 6.46 -8.60
C THR A 75 -2.17 6.08 -10.01
N LYS A 76 -3.19 5.25 -10.14
CA LYS A 76 -3.65 4.83 -11.50
C LYS A 76 -4.15 6.04 -12.30
N SER A 77 -4.94 6.91 -11.68
CA SER A 77 -5.43 8.17 -12.33
C SER A 77 -4.24 9.02 -12.73
N TYR A 78 -3.25 9.13 -11.86
CA TYR A 78 -2.03 9.90 -12.19
C TYR A 78 -1.34 9.38 -13.45
N TRP A 79 -1.03 8.09 -13.54
CA TRP A 79 -0.23 7.48 -14.63
C TRP A 79 -1.07 7.57 -15.92
N LYS A 80 -2.35 7.36 -15.79
CA LYS A 80 -3.24 7.28 -17.00
C LYS A 80 -3.18 8.63 -17.75
N ALA A 81 -3.17 9.73 -16.98
CA ALA A 81 -3.09 11.14 -17.46
C ALA A 81 -1.75 11.47 -18.12
N LEU A 82 -0.70 10.69 -17.90
CA LEU A 82 0.62 10.76 -18.60
C LEU A 82 0.81 9.70 -19.72
N GLY A 83 -0.17 8.84 -20.04
CA GLY A 83 -0.11 7.84 -21.13
C GLY A 83 0.47 6.50 -20.73
N ILE A 84 0.53 6.24 -19.42
CA ILE A 84 1.14 5.01 -18.87
C ILE A 84 -0.05 4.25 -18.31
N SER A 85 -0.16 3.02 -18.76
CA SER A 85 -1.10 2.05 -18.15
C SER A 85 -0.32 1.40 -17.05
N PRO A 86 -0.56 1.77 -15.75
CA PRO A 86 0.24 1.26 -14.66
C PRO A 86 -0.36 -0.02 -14.07
N PHE A 87 0.37 -0.62 -13.18
CA PHE A 87 0.06 -1.91 -12.55
C PHE A 87 -1.01 -1.68 -11.48
N HIS A 88 -0.76 -0.78 -10.51
CA HIS A 88 -1.57 -0.72 -9.29
C HIS A 88 -2.82 0.10 -9.51
N GLU A 89 -3.86 -0.16 -8.74
CA GLU A 89 -5.04 0.71 -8.71
C GLU A 89 -4.78 1.98 -7.92
N HIS A 90 -4.08 1.83 -6.83
CA HIS A 90 -3.75 2.91 -5.89
C HIS A 90 -2.62 2.44 -5.02
N ALA A 91 -2.07 3.31 -4.25
CA ALA A 91 -1.14 2.94 -3.18
C ALA A 91 -1.88 3.21 -1.89
N GLU A 92 -1.93 2.26 -0.98
CA GLU A 92 -2.72 2.34 0.27
C GLU A 92 -1.71 2.30 1.41
N VAL A 93 -1.84 3.26 2.33
CA VAL A 93 -0.95 3.37 3.50
C VAL A 93 -1.86 3.27 4.72
N VAL A 94 -1.75 2.21 5.49
CA VAL A 94 -2.70 1.96 6.59
C VAL A 94 -1.90 1.95 7.88
N PHE A 95 -2.28 2.73 8.88
CA PHE A 95 -1.50 2.90 10.11
C PHE A 95 -2.39 3.32 11.28
N THR A 96 -1.94 2.95 12.46
CA THR A 96 -2.50 3.54 13.71
C THR A 96 -1.83 4.85 13.97
N ALA A 97 -2.64 5.89 14.23
CA ALA A 97 -2.15 7.24 14.53
C ALA A 97 -2.46 7.64 15.96
N ASN A 98 -1.59 8.42 16.56
CA ASN A 98 -1.80 9.15 17.83
C ASN A 98 -2.02 8.20 19.01
N ASP A 99 -1.56 6.98 18.98
CA ASP A 99 -1.96 6.07 20.08
C ASP A 99 -1.02 6.25 21.29
N SER A 100 0.04 7.06 21.17
CA SER A 100 0.90 7.53 22.30
C SER A 100 0.79 9.06 22.39
N GLY A 101 -0.33 9.64 21.99
CA GLY A 101 -0.51 11.08 21.98
C GLY A 101 -0.31 11.65 20.59
N PRO A 102 -0.63 12.94 20.42
CA PRO A 102 -0.58 13.61 19.15
C PRO A 102 0.83 13.50 18.56
N ARG A 103 0.89 13.15 17.28
CA ARG A 103 2.11 13.21 16.49
C ARG A 103 1.79 13.91 15.17
N ARG A 104 2.83 14.36 14.48
CA ARG A 104 2.75 14.89 13.12
C ARG A 104 3.27 13.82 12.16
N TYR A 105 2.48 13.52 11.16
CA TYR A 105 2.78 12.43 10.22
C TYR A 105 2.96 12.99 8.84
N THR A 106 4.09 12.65 8.21
CA THR A 106 4.25 12.84 6.76
C THR A 106 4.30 11.48 6.10
N ILE A 107 3.40 11.24 5.20
CA ILE A 107 3.32 10.03 4.37
C ILE A 107 3.93 10.40 3.03
N ALA A 108 5.05 9.78 2.68
CA ALA A 108 5.73 10.05 1.43
C ALA A 108 5.61 8.82 0.54
N ALA A 109 5.47 9.06 -0.75
CA ALA A 109 5.38 7.99 -1.73
C ALA A 109 6.21 8.34 -2.95
N LEU A 110 6.87 7.37 -3.51
CA LEU A 110 7.70 7.52 -4.75
C LEU A 110 7.18 6.54 -5.77
N LEU A 111 6.67 7.04 -6.86
CA LEU A 111 5.86 6.28 -7.82
C LEU A 111 6.62 5.88 -9.08
N SER A 112 6.42 4.66 -9.52
CA SER A 112 6.78 4.17 -10.88
C SER A 112 5.59 3.44 -11.43
N PRO A 113 5.53 3.19 -12.74
CA PRO A 113 4.38 2.51 -13.29
C PRO A 113 4.10 1.14 -12.65
N TYR A 114 5.11 0.33 -12.36
CA TYR A 114 4.86 -1.01 -11.81
C TYR A 114 5.36 -1.16 -10.39
N SER A 115 5.63 -0.03 -9.68
CA SER A 115 6.24 -0.10 -8.37
C SER A 115 5.96 1.17 -7.61
N TYR A 116 5.91 1.05 -6.32
CA TYR A 116 6.03 2.27 -5.50
C TYR A 116 6.73 1.92 -4.21
N SER A 117 7.26 2.99 -3.61
CA SER A 117 7.83 2.97 -2.24
CA SER A 117 7.86 2.99 -2.25
C SER A 117 7.09 4.01 -1.41
N THR A 118 6.89 3.68 -0.15
CA THR A 118 6.28 4.60 0.81
C THR A 118 7.01 4.55 2.11
N THR A 119 7.09 5.69 2.77
CA THR A 119 7.66 5.82 4.10
C THR A 119 6.84 6.80 4.91
N ALA A 120 7.07 6.76 6.19
CA ALA A 120 6.44 7.76 7.08
C ALA A 120 7.52 8.47 7.86
N VAL A 121 7.34 9.76 8.07
CA VAL A 121 8.17 10.57 9.00
C VAL A 121 7.20 11.00 10.10
N VAL A 122 7.50 10.59 11.31
CA VAL A 122 6.63 10.78 12.49
C VAL A 122 7.39 11.67 13.45
N THR A 123 6.86 12.83 13.74
CA THR A 123 7.53 13.79 14.67
C THR A 123 6.63 14.14 15.85
N ASN A 124 7.26 14.45 16.98
CA ASN A 124 6.55 14.83 18.22
C ASN A 124 6.49 16.36 18.27
N CYS B 10 1.70 -21.60 -11.93
CA CYS B 10 1.51 -20.63 -10.80
C CYS B 10 1.31 -19.23 -11.39
N PRO B 11 0.07 -18.76 -11.51
CA PRO B 11 -0.17 -17.43 -12.06
C PRO B 11 0.15 -16.27 -11.10
N LEU B 12 0.19 -16.54 -9.80
CA LEU B 12 0.31 -15.49 -8.76
C LEU B 12 1.26 -15.95 -7.66
N MET B 13 2.42 -15.30 -7.53
CA MET B 13 3.40 -15.59 -6.49
C MET B 13 3.69 -14.29 -5.71
N VAL B 14 3.94 -14.46 -4.45
CA VAL B 14 4.28 -13.32 -3.57
C VAL B 14 5.66 -13.55 -3.01
N LYS B 15 6.51 -12.54 -3.10
CA LYS B 15 7.88 -12.58 -2.51
CA LYS B 15 7.91 -12.63 -2.48
C LYS B 15 8.11 -11.39 -1.50
N VAL B 16 8.57 -11.76 -0.32
CA VAL B 16 8.70 -10.76 0.75
C VAL B 16 10.10 -10.79 1.27
N LEU B 17 10.77 -9.63 1.34
CA LEU B 17 12.14 -9.50 1.83
C LEU B 17 12.15 -8.54 3.01
N ASP B 18 13.16 -8.71 3.85
CA ASP B 18 13.34 -7.91 5.09
C ASP B 18 14.58 -7.04 4.91
N ALA B 19 14.37 -5.73 4.93
CA ALA B 19 15.43 -4.72 4.72
C ALA B 19 16.24 -4.42 5.97
N VAL B 20 15.82 -4.83 7.16
CA VAL B 20 16.55 -4.69 8.43
C VAL B 20 17.50 -5.87 8.58
N ARG B 21 17.05 -7.09 8.35
CA ARG B 21 17.89 -8.30 8.55
C ARG B 21 18.63 -8.67 7.26
N GLY B 22 18.22 -8.19 6.09
CA GLY B 22 18.85 -8.65 4.85
C GLY B 22 18.53 -10.09 4.55
N SER B 23 17.27 -10.45 4.64
CA SER B 23 16.86 -11.86 4.62
C SER B 23 15.52 -11.92 3.94
N PRO B 24 15.10 -13.12 3.50
CA PRO B 24 13.70 -13.35 3.23
C PRO B 24 12.90 -13.04 4.49
N ALA B 25 11.65 -12.60 4.28
CA ALA B 25 10.71 -12.37 5.39
C ALA B 25 9.88 -13.67 5.52
N ILE B 26 10.22 -14.46 6.54
CA ILE B 26 9.72 -15.83 6.73
C ILE B 26 8.50 -15.80 7.62
N ASN B 27 7.52 -16.60 7.25
CA ASN B 27 6.31 -16.79 8.09
C ASN B 27 5.45 -15.54 8.15
N VAL B 28 5.44 -14.81 7.06
CA VAL B 28 4.55 -13.62 6.93
C VAL B 28 3.22 -14.09 6.39
N ALA B 29 2.14 -13.75 7.10
CA ALA B 29 0.80 -14.05 6.56
C ALA B 29 0.45 -13.13 5.41
N VAL B 30 -0.13 -13.73 4.38
CA VAL B 30 -0.57 -13.04 3.18
C VAL B 30 -2.01 -13.43 2.90
N HIS B 31 -2.86 -12.46 2.66
CA HIS B 31 -4.27 -12.67 2.29
C HIS B 31 -4.56 -12.04 0.96
N VAL B 32 -5.18 -12.76 0.05
CA VAL B 32 -5.53 -12.24 -1.28
C VAL B 32 -7.03 -12.15 -1.37
N PHE B 33 -7.52 -11.05 -1.87
CA PHE B 33 -8.97 -10.74 -1.98
C PHE B 33 -9.25 -10.42 -3.43
N ARG B 34 -10.47 -10.72 -3.87
CA ARG B 34 -10.95 -10.31 -5.20
C ARG B 34 -12.13 -9.37 -5.01
N LYS B 35 -12.20 -8.29 -5.76
CA LYS B 35 -13.30 -7.29 -5.64
C LYS B 35 -14.56 -7.90 -6.27
N ALA B 36 -15.62 -7.98 -5.48
CA ALA B 36 -16.92 -8.52 -5.93
C ALA B 36 -17.73 -7.40 -6.57
N ALA B 37 -18.83 -7.77 -7.23
CA ALA B 37 -19.72 -6.86 -8.00
C ALA B 37 -20.26 -5.74 -7.11
N ASP B 38 -20.49 -6.05 -5.84
CA ASP B 38 -21.00 -5.11 -4.80
C ASP B 38 -19.87 -4.26 -4.22
N ASP B 39 -18.67 -4.34 -4.81
CA ASP B 39 -17.48 -3.50 -4.51
C ASP B 39 -16.91 -3.84 -3.14
N THR B 40 -17.31 -4.98 -2.57
CA THR B 40 -16.66 -5.54 -1.34
C THR B 40 -15.50 -6.47 -1.72
N TRP B 41 -14.62 -6.71 -0.77
CA TRP B 41 -13.41 -7.55 -0.92
C TRP B 41 -13.76 -8.94 -0.41
N GLU B 42 -13.76 -9.93 -1.29
CA GLU B 42 -14.02 -11.35 -0.93
C GLU B 42 -12.69 -12.06 -0.75
N PRO B 43 -12.48 -12.80 0.37
CA PRO B 43 -11.32 -13.67 0.48
C PRO B 43 -11.21 -14.62 -0.71
N PHE B 44 -9.99 -14.82 -1.18
CA PHE B 44 -9.65 -15.53 -2.43
C PHE B 44 -8.60 -16.61 -2.15
N ALA B 45 -7.56 -16.30 -1.35
CA ALA B 45 -6.40 -17.18 -1.16
C ALA B 45 -5.63 -16.61 -0.01
N SER B 46 -4.93 -17.46 0.69
CA SER B 46 -4.00 -16.96 1.72
C SER B 46 -2.93 -18.00 2.00
N GLY B 47 -1.90 -17.62 2.73
CA GLY B 47 -0.86 -18.52 3.18
C GLY B 47 0.22 -17.75 3.91
N LYS B 48 1.32 -18.42 4.20
CA LYS B 48 2.43 -17.80 4.95
C LYS B 48 3.66 -17.95 4.09
N THR B 49 4.51 -16.92 4.04
CA THR B 49 5.76 -17.10 3.27
C THR B 49 6.64 -18.22 3.86
N SER B 50 7.35 -18.85 2.96
CA SER B 50 8.28 -19.96 3.24
C SER B 50 9.57 -19.42 3.83
N GLU B 51 10.49 -20.33 4.11
CA GLU B 51 11.87 -19.97 4.53
C GLU B 51 12.59 -19.16 3.45
N SER B 52 12.15 -19.17 2.20
CA SER B 52 12.78 -18.38 1.12
C SER B 52 12.00 -17.06 0.91
N GLY B 53 11.01 -16.77 1.78
CA GLY B 53 10.20 -15.54 1.67
C GLY B 53 9.18 -15.60 0.58
N GLU B 54 8.81 -16.80 0.09
CA GLU B 54 7.96 -16.96 -1.10
C GLU B 54 6.65 -17.64 -0.71
N LEU B 55 5.62 -17.29 -1.43
CA LEU B 55 4.31 -17.93 -1.31
C LEU B 55 3.80 -18.24 -2.71
N HIS B 56 3.70 -19.55 -2.97
CA HIS B 56 3.32 -20.20 -4.25
C HIS B 56 1.97 -20.91 -3.99
N GLY B 57 1.27 -21.26 -5.04
CA GLY B 57 0.11 -22.17 -4.90
C GLY B 57 -1.10 -21.48 -4.33
N LEU B 58 -1.19 -20.15 -4.48
CA LEU B 58 -2.34 -19.37 -4.02
C LEU B 58 -3.55 -19.68 -4.89
N THR B 59 -3.34 -19.82 -6.19
CA THR B 59 -4.47 -19.97 -7.13
C THR B 59 -4.03 -20.76 -8.35
N THR B 60 -4.97 -20.94 -9.28
CA THR B 60 -4.74 -21.71 -10.52
C THR B 60 -5.04 -20.79 -11.69
N GLU B 61 -4.54 -21.15 -12.87
CA GLU B 61 -4.87 -20.42 -14.11
C GLU B 61 -6.40 -20.36 -14.25
N GLU B 62 -7.10 -21.47 -13.97
CA GLU B 62 -8.57 -21.55 -14.12
C GLU B 62 -9.26 -20.52 -13.21
N GLU B 63 -8.84 -20.39 -11.94
CA GLU B 63 -9.58 -19.57 -10.98
C GLU B 63 -9.17 -18.10 -11.06
N PHE B 64 -7.97 -17.81 -11.56
CA PHE B 64 -7.42 -16.43 -11.52
C PHE B 64 -7.85 -15.66 -12.77
N VAL B 65 -9.12 -15.31 -12.79
CA VAL B 65 -9.73 -14.58 -13.92
C VAL B 65 -9.44 -13.09 -13.83
N GLU B 66 -9.70 -12.37 -14.89
CA GLU B 66 -9.56 -10.91 -14.84
C GLU B 66 -10.41 -10.36 -13.69
N GLY B 67 -9.89 -9.30 -13.06
CA GLY B 67 -10.58 -8.66 -11.96
C GLY B 67 -9.59 -7.80 -11.19
N ILE B 68 -10.11 -7.23 -10.14
CA ILE B 68 -9.28 -6.41 -9.21
C ILE B 68 -8.99 -7.28 -8.01
N TYR B 69 -7.69 -7.32 -7.64
CA TYR B 69 -7.19 -8.16 -6.57
C TYR B 69 -6.50 -7.26 -5.55
N LYS B 70 -6.52 -7.73 -4.33
CA LYS B 70 -5.77 -7.08 -3.23
C LYS B 70 -4.94 -8.14 -2.58
N VAL B 71 -3.65 -7.87 -2.43
CA VAL B 71 -2.71 -8.70 -1.67
C VAL B 71 -2.38 -7.95 -0.40
N GLU B 72 -2.83 -8.45 0.74
CA GLU B 72 -2.56 -7.83 2.04
C GLU B 72 -1.48 -8.63 2.70
N ILE B 73 -0.37 -7.99 3.06
CA ILE B 73 0.80 -8.60 3.69
C ILE B 73 0.78 -8.16 5.15
N ASP B 74 0.78 -9.09 6.08
CA ASP B 74 0.61 -8.81 7.53
C ASP B 74 1.95 -8.42 8.12
N THR B 75 2.41 -7.23 7.75
CA THR B 75 3.72 -6.73 8.20
C THR B 75 3.74 -6.42 9.69
N LYS B 76 2.66 -5.93 10.24
CA LYS B 76 2.70 -5.55 11.66
C LYS B 76 3.04 -6.78 12.52
N SER B 77 2.41 -7.93 12.31
CA SER B 77 2.72 -9.15 13.09
C SER B 77 4.15 -9.62 12.88
N TYR B 78 4.68 -9.41 11.69
CA TYR B 78 6.07 -9.82 11.41
C TYR B 78 7.01 -8.99 12.29
N TRP B 79 6.90 -7.67 12.27
CA TRP B 79 7.78 -6.79 13.05
C TRP B 79 7.58 -7.07 14.56
N LYS B 80 6.33 -7.29 14.98
CA LYS B 80 6.06 -7.58 16.41
C LYS B 80 6.83 -8.83 16.78
N ALA B 81 6.87 -9.85 15.94
CA ALA B 81 7.57 -11.12 16.28
C ALA B 81 9.08 -10.91 16.39
N LEU B 82 9.63 -9.87 15.78
CA LEU B 82 11.06 -9.54 15.85
C LEU B 82 11.32 -8.52 16.96
N GLY B 83 10.31 -8.11 17.71
CA GLY B 83 10.44 -7.08 18.77
C GLY B 83 10.71 -5.67 18.24
N ILE B 84 10.21 -5.33 17.05
CA ILE B 84 10.45 -4.02 16.44
C ILE B 84 9.11 -3.33 16.23
N SER B 85 9.01 -2.09 16.69
CA SER B 85 7.79 -1.26 16.62
C SER B 85 7.62 -0.85 15.16
N PRO B 86 6.55 -1.29 14.47
CA PRO B 86 6.32 -0.84 13.11
C PRO B 86 5.25 0.22 12.92
N PHE B 87 5.27 0.84 11.76
CA PHE B 87 4.37 1.95 11.43
C PHE B 87 3.05 1.35 10.93
N HIS B 88 3.10 0.52 9.90
CA HIS B 88 1.90 0.14 9.13
C HIS B 88 1.13 -0.98 9.81
N GLU B 89 -0.18 -1.03 9.57
CA GLU B 89 -1.00 -2.20 10.00
C GLU B 89 -0.68 -3.38 9.08
N HIS B 90 -0.51 -3.12 7.81
CA HIS B 90 -0.23 -4.12 6.77
C HIS B 90 0.26 -3.40 5.55
N ALA B 91 0.77 -4.11 4.58
CA ALA B 91 1.08 -3.56 3.25
C ALA B 91 0.04 -4.08 2.30
N GLU B 92 -0.53 -3.23 1.46
CA GLU B 92 -1.66 -3.60 0.60
C GLU B 92 -1.24 -3.34 -0.83
N VAL B 93 -1.41 -4.33 -1.69
CA VAL B 93 -1.05 -4.17 -3.11
C VAL B 93 -2.34 -4.45 -3.87
N VAL B 94 -2.85 -3.50 -4.59
CA VAL B 94 -4.18 -3.61 -5.24
C VAL B 94 -3.94 -3.36 -6.72
N PHE B 95 -4.43 -4.27 -7.57
CA PHE B 95 -4.09 -4.25 -9.00
C PHE B 95 -5.18 -4.92 -9.81
N THR B 96 -5.24 -4.60 -11.08
CA THR B 96 -6.14 -5.34 -12.01
C THR B 96 -5.33 -6.44 -12.71
N ALA B 97 -5.87 -7.67 -12.74
CA ALA B 97 -5.29 -8.77 -13.55
C ALA B 97 -5.90 -8.68 -14.94
N ASN B 98 -5.06 -8.57 -15.96
CA ASN B 98 -5.58 -8.40 -17.34
C ASN B 98 -5.03 -9.54 -18.17
N ASP B 99 -5.92 -10.16 -18.92
CA ASP B 99 -5.59 -11.39 -19.68
C ASP B 99 -4.71 -11.20 -20.91
N SER B 100 -4.32 -9.97 -21.31
CA SER B 100 -3.55 -9.72 -22.57
C SER B 100 -2.44 -10.80 -22.59
N GLY B 101 -2.48 -11.76 -23.53
CA GLY B 101 -1.52 -12.89 -23.51
C GLY B 101 -1.31 -13.85 -22.34
N PRO B 102 -0.42 -14.85 -22.40
CA PRO B 102 -0.14 -15.64 -21.23
C PRO B 102 0.72 -14.84 -20.23
N ARG B 103 0.40 -14.90 -18.92
CA ARG B 103 1.25 -14.18 -17.94
C ARG B 103 1.21 -14.75 -16.52
N ARG B 104 2.31 -14.53 -15.81
CA ARG B 104 2.51 -14.88 -14.40
C ARG B 104 2.76 -13.55 -13.68
N TYR B 105 2.14 -13.37 -12.53
CA TYR B 105 2.32 -12.15 -11.70
C TYR B 105 3.14 -12.55 -10.49
N THR B 106 4.26 -11.85 -10.27
CA THR B 106 5.00 -11.88 -9.02
C THR B 106 4.83 -10.52 -8.35
N ILE B 107 4.27 -10.54 -7.17
CA ILE B 107 4.16 -9.35 -6.30
C ILE B 107 5.30 -9.46 -5.32
N ALA B 108 6.25 -8.53 -5.34
CA ALA B 108 7.38 -8.51 -4.42
C ALA B 108 7.24 -7.32 -3.48
N ALA B 109 7.67 -7.49 -2.27
CA ALA B 109 7.67 -6.44 -1.24
C ALA B 109 8.91 -6.51 -0.41
N LEU B 110 9.48 -5.35 -0.13
CA LEU B 110 10.69 -5.16 0.64
C LEU B 110 10.29 -4.33 1.84
N LEU B 111 10.43 -4.92 3.01
CA LEU B 111 9.86 -4.37 4.26
C LEU B 111 10.90 -3.72 5.14
N SER B 112 10.54 -2.54 5.67
CA SER B 112 11.21 -1.87 6.77
C SER B 112 10.18 -1.47 7.83
N PRO B 113 10.61 -1.17 9.05
CA PRO B 113 9.61 -0.86 10.07
C PRO B 113 8.69 0.31 9.70
N TYR B 114 9.23 1.37 9.07
CA TYR B 114 8.43 2.58 8.75
C TYR B 114 8.31 2.77 7.27
N SER B 115 8.58 1.75 6.45
CA SER B 115 8.59 1.93 4.97
CA SER B 115 8.58 1.93 4.98
C SER B 115 8.38 0.59 4.29
N TYR B 116 7.81 0.60 3.12
CA TYR B 116 7.94 -0.58 2.26
C TYR B 116 7.98 -0.14 0.82
N SER B 117 8.58 -1.01 0.01
N SER B 117 8.60 -1.01 0.01
CA SER B 117 8.69 -0.92 -1.46
CA SER B 117 8.67 -0.93 -1.46
C SER B 117 7.94 -2.13 -2.04
C SER B 117 7.92 -2.14 -2.03
N THR B 118 7.18 -1.97 -3.11
CA THR B 118 6.57 -3.11 -3.78
C THR B 118 6.71 -2.96 -5.25
N THR B 119 6.86 -4.06 -5.96
CA THR B 119 6.89 -4.07 -7.42
C THR B 119 6.14 -5.27 -7.94
N ALA B 120 5.82 -5.21 -9.20
CA ALA B 120 5.17 -6.35 -9.90
C ALA B 120 6.13 -6.79 -10.98
N VAL B 121 6.33 -8.09 -11.06
CA VAL B 121 7.12 -8.69 -12.18
C VAL B 121 6.11 -9.52 -12.97
N VAL B 122 5.77 -9.08 -14.15
CA VAL B 122 4.71 -9.71 -14.98
C VAL B 122 5.41 -10.33 -16.17
N THR B 123 5.38 -11.67 -16.28
CA THR B 123 6.20 -12.40 -17.31
C THR B 123 5.31 -13.30 -18.15
N ASN B 124 5.80 -13.68 -19.33
CA ASN B 124 5.09 -14.61 -20.28
C ASN B 124 5.77 -15.98 -20.20
C1 1W4 C . 9.76 15.50 2.80
O2 1W4 C . 9.71 14.77 3.77
C3 1W4 C . 10.48 15.15 1.55
C4 1W4 C . 10.85 16.15 0.66
C5 1W4 C . 11.51 15.83 -0.50
C6 1W4 C . 11.77 14.50 -0.78
C7 1W4 C . 11.40 13.51 0.09
C8 1W4 C . 10.74 13.81 1.24
N9 1W4 C . 11.93 16.76 -1.45
C10 1W4 C . 12.68 17.94 -1.06
C11 1W4 C . 11.61 16.55 -2.85
C12 1W4 C . 11.75 12.14 -0.35
C13 1W4 C . 11.06 11.11 0.04
C14 1W4 C . 11.41 9.76 -0.46
C15 1W4 C . 12.57 9.36 -0.97
C16 1W4 C . 12.76 8.06 -1.36
C17 1W4 C . 11.68 7.08 -1.18
C18 1W4 C . 10.44 7.56 -0.58
C19 1W4 C . 10.33 8.86 -0.22
C26 1W4 C . 14.05 7.59 -1.97
C27 1W4 C . 9.29 6.62 -0.37
O28 1W4 C . 11.81 5.81 -1.52
C1 1W4 D . 12.13 -12.55 -7.76
O2 1W4 D . 11.30 -11.93 -8.39
C3 1W4 D . 13.07 -11.97 -6.80
C4 1W4 D . 14.02 -12.79 -6.15
C5 1W4 D . 14.92 -12.23 -5.24
C6 1W4 D . 14.93 -10.86 -5.04
C7 1W4 D . 13.95 -10.05 -5.63
C8 1W4 D . 13.01 -10.62 -6.47
N9 1W4 D . 15.78 -13.02 -4.56
C10 1W4 D . 16.42 -14.15 -5.22
C11 1W4 D . 15.78 -13.03 -3.11
C12 1W4 D . 13.89 -8.68 -5.16
C13 1W4 D . 12.91 -7.91 -5.14
C14 1W4 D . 12.93 -6.50 -4.81
C15 1W4 D . 14.08 -5.73 -4.65
C16 1W4 D . 14.02 -4.38 -4.32
C17 1W4 D . 12.76 -3.81 -4.12
C18 1W4 D . 11.59 -4.56 -4.29
C19 1W4 D . 11.70 -5.88 -4.66
C26 1W4 D . 15.28 -3.55 -4.21
C27 1W4 D . 10.22 -3.97 -3.99
O28 1W4 D . 12.65 -2.53 -3.76
#